data_6ZQS
#
_entry.id   6ZQS
#
_cell.length_a   39.401
_cell.length_b   84.602
_cell.length_c   122.533
_cell.angle_alpha   90.000
_cell.angle_beta   90.000
_cell.angle_gamma   90.000
#
_symmetry.space_group_name_H-M   'P 2 21 21'
#
loop_
_entity.id
_entity.type
_entity.pdbx_description
1 polymer 'Mitogen-activated protein kinase 14'
2 polymer 'Cyclic AMP-dependent transcription factor ATF-2'
3 non-polymer 2-[(2,4-difluorophenyl)amino]-7-{[(2R)-2,3-dihydroxypropyl]oxy}-10,11-dihydro-5H-dibenzo[a,d][7]annulen-5-one
4 water water
#
loop_
_entity_poly.entity_id
_entity_poly.type
_entity_poly.pdbx_seq_one_letter_code
_entity_poly.pdbx_strand_id
1 'polypeptide(L)'
;GSMSQERPTFYRQELNKTIWEVPERYQNLSPVGSGAYGSVCAAFDTKTGLRVAVKKLSRPFQSIIHAKRTYRELRLLKHM
KHENVIGLLDVFTPARSLEEFNDVYLVTHLMGADLNNIVKCQKLTDDHVQFLIYQILRGLKYIHSADIIHRDLKPSNLAV
NEDCELKILDFGLARHTDDEM(TPO)G(PTR)VATRWYRAPEIMLNWMHYNQTVDIWSVGCIMAELLTGRTLFPGTDHID
QLKLILRLVGTPGAELLKKISSESARNYIQSLTQMPKMNFANVFIGANPLAVDLLEKMLVLDSDKRITAAQALAHAYFAQ
YHDPDDEPVADPYDQSFESRDLLIDEWKSLTYDEVISFVPPPLDQEEMES
;
A
2 'polypeptide(L)' GLFNELANPFENEFKKASED B
#
loop_
_chem_comp.id
_chem_comp.type
_chem_comp.name
_chem_comp.formula
3FF non-polymer 2-[(2,4-difluorophenyl)amino]-7-{[(2R)-2,3-dihydroxypropyl]oxy}-10,11-dihydro-5H-dibenzo[a,d][7]annulen-5-one 'C24 H21 F2 N O4'
#
# COMPACT_ATOMS: atom_id res chain seq x y z
N GLU A 6 -19.64 -17.18 22.46
CA GLU A 6 -20.95 -16.56 22.67
C GLU A 6 -21.20 -15.43 21.67
N ARG A 7 -22.05 -15.69 20.69
CA ARG A 7 -22.24 -14.71 19.61
C ARG A 7 -22.95 -13.46 20.13
N PRO A 8 -22.41 -12.27 19.88
CA PRO A 8 -23.12 -11.05 20.27
C PRO A 8 -24.40 -10.88 19.46
N THR A 9 -25.25 -9.99 19.94
CA THR A 9 -26.42 -9.62 19.15
C THR A 9 -25.97 -8.72 18.00
N PHE A 10 -26.38 -9.05 16.79
CA PHE A 10 -26.09 -8.24 15.62
C PHE A 10 -27.32 -7.44 15.22
N TYR A 11 -27.10 -6.35 14.50
CA TYR A 11 -28.20 -5.65 13.85
C TYR A 11 -27.76 -5.25 12.44
N ARG A 12 -28.75 -4.95 11.61
CA ARG A 12 -28.50 -4.76 10.19
C ARG A 12 -28.94 -3.37 9.75
N GLN A 13 -28.23 -2.82 8.77
CA GLN A 13 -28.48 -1.46 8.30
C GLN A 13 -27.97 -1.33 6.88
N GLU A 14 -28.78 -0.73 6.00
CA GLU A 14 -28.32 -0.46 4.64
C GLU A 14 -27.58 0.87 4.62
N LEU A 15 -26.35 0.85 4.14
CA LEU A 15 -25.50 2.03 4.06
C LEU A 15 -24.96 2.14 2.65
N ASN A 16 -25.46 3.12 1.90
CA ASN A 16 -25.03 3.39 0.53
C ASN A 16 -25.08 2.12 -0.32
N LYS A 17 -26.29 1.56 -0.42
CA LYS A 17 -26.57 0.38 -1.23
C LYS A 17 -25.69 -0.81 -0.83
N THR A 18 -25.47 -0.98 0.48
CA THR A 18 -24.74 -2.11 1.03
C THR A 18 -25.35 -2.47 2.37
N ILE A 19 -25.57 -3.76 2.60
CA ILE A 19 -26.14 -4.22 3.86
C ILE A 19 -24.99 -4.50 4.84
N TRP A 20 -24.94 -3.73 5.91
CA TRP A 20 -23.97 -3.92 6.99
C TRP A 20 -24.65 -4.63 8.16
N GLU A 21 -24.04 -5.70 8.65
CA GLU A 21 -24.54 -6.44 9.81
C GLU A 21 -23.44 -6.51 10.88
N VAL A 22 -23.63 -5.85 12.01
CA VAL A 22 -22.53 -5.67 12.96
C VAL A 22 -23.02 -5.90 14.38
N PRO A 23 -22.11 -6.26 15.29
CA PRO A 23 -22.49 -6.39 16.70
C PRO A 23 -23.02 -5.09 17.25
N GLU A 24 -24.00 -5.20 18.16
CA GLU A 24 -24.63 -4.02 18.78
C GLU A 24 -23.65 -3.09 19.46
N ARG A 25 -22.48 -3.57 19.91
CA ARG A 25 -21.52 -2.68 20.52
C ARG A 25 -21.14 -1.53 19.59
N TYR A 26 -21.22 -1.73 18.28
CA TYR A 26 -20.81 -0.70 17.33
C TYR A 26 -22.04 0.10 16.91
N GLN A 27 -22.06 1.39 17.27
CA GLN A 27 -23.24 2.23 17.14
C GLN A 27 -22.99 3.43 16.24
N ASN A 28 -24.07 3.92 15.64
CA ASN A 28 -24.07 5.13 14.81
C ASN A 28 -23.07 5.02 13.65
N LEU A 29 -23.20 3.94 12.87
CA LEU A 29 -22.33 3.76 11.72
C LEU A 29 -22.52 4.90 10.73
N SER A 30 -21.40 5.46 10.26
CA SER A 30 -21.42 6.62 9.36
C SER A 30 -20.30 6.48 8.34
N PRO A 31 -20.61 6.27 7.07
CA PRO A 31 -19.55 6.12 6.06
C PRO A 31 -18.66 7.35 6.01
N VAL A 32 -17.35 7.14 6.00
CA VAL A 32 -16.46 8.28 5.97
C VAL A 32 -16.50 8.88 4.58
N GLY A 33 -16.35 10.19 4.51
CA GLY A 33 -16.47 10.92 3.24
C GLY A 33 -17.67 10.60 2.35
N SER A 34 -18.82 10.25 2.95
CA SER A 34 -20.07 9.96 2.24
C SER A 34 -20.02 8.66 1.44
N GLY A 35 -19.05 7.80 1.72
CA GLY A 35 -18.87 6.57 0.98
C GLY A 35 -17.88 6.63 -0.16
N ALA A 36 -17.09 7.70 -0.27
CA ALA A 36 -16.13 7.81 -1.36
C ALA A 36 -14.83 7.05 -1.07
N TYR A 37 -14.55 6.73 0.19
CA TYR A 37 -13.36 5.97 0.58
C TYR A 37 -13.62 4.47 0.71
N GLY A 38 -14.60 3.93 -0.02
CA GLY A 38 -14.82 2.49 0.02
C GLY A 38 -15.81 2.08 1.08
N SER A 39 -15.59 0.90 1.68
CA SER A 39 -16.57 0.37 2.61
C SER A 39 -16.08 0.50 4.04
N VAL A 40 -15.91 1.74 4.49
CA VAL A 40 -15.44 2.05 5.82
C VAL A 40 -16.43 2.99 6.47
N CYS A 41 -16.86 2.64 7.67
CA CYS A 41 -17.76 3.47 8.48
C CYS A 41 -17.08 3.86 9.77
N ALA A 42 -17.26 5.10 10.18
CA ALA A 42 -16.98 5.48 11.55
C ALA A 42 -18.08 4.97 12.47
N ALA A 43 -17.70 4.58 13.68
CA ALA A 43 -18.67 4.12 14.66
C ALA A 43 -18.16 4.47 16.05
N PHE A 44 -19.05 4.30 17.02
CA PHE A 44 -18.73 4.42 18.43
C PHE A 44 -18.85 3.03 19.05
N ASP A 45 -17.76 2.52 19.64
CA ASP A 45 -17.73 1.22 20.30
C ASP A 45 -18.17 1.40 21.76
N THR A 46 -19.43 1.10 22.06
CA THR A 46 -19.91 1.27 23.43
C THR A 46 -19.28 0.31 24.42
N LYS A 47 -18.61 -0.74 23.95
CA LYS A 47 -17.97 -1.66 24.87
C LYS A 47 -16.66 -1.10 25.40
N THR A 48 -16.01 -0.25 24.62
CA THR A 48 -14.75 0.33 24.98
C THR A 48 -14.79 1.85 25.08
N GLY A 49 -15.86 2.49 24.61
CA GLY A 49 -15.82 3.93 24.47
C GLY A 49 -14.88 4.45 23.42
N LEU A 50 -14.41 3.60 22.49
CA LEU A 50 -13.52 4.06 21.44
C LEU A 50 -14.29 4.53 20.21
N ARG A 51 -13.72 5.51 19.53
CA ARG A 51 -14.18 5.91 18.21
C ARG A 51 -13.45 5.05 17.18
N VAL A 52 -14.20 4.25 16.44
CA VAL A 52 -13.57 3.22 15.61
C VAL A 52 -13.94 3.43 14.16
N ALA A 53 -13.15 2.79 13.29
CA ALA A 53 -13.44 2.67 11.88
C ALA A 53 -13.67 1.19 11.59
N VAL A 54 -14.80 0.88 10.96
CA VAL A 54 -15.17 -0.49 10.63
C VAL A 54 -15.10 -0.64 9.11
N LYS A 55 -14.31 -1.59 8.66
CA LYS A 55 -14.17 -1.90 7.23
C LYS A 55 -14.89 -3.20 6.92
N LYS A 56 -15.87 -3.15 6.03
CA LYS A 56 -16.50 -4.35 5.53
C LYS A 56 -15.73 -4.77 4.28
N LEU A 57 -15.06 -5.91 4.36
CA LEU A 57 -14.28 -6.35 3.20
C LEU A 57 -15.20 -6.56 2.00
N SER A 58 -14.78 -6.00 0.86
CA SER A 58 -15.54 -6.07 -0.39
C SER A 58 -15.33 -7.43 -1.03
N ARG A 59 -16.40 -8.22 -1.11
CA ARG A 59 -16.41 -9.46 -1.89
C ARG A 59 -15.19 -10.34 -1.56
N PRO A 60 -15.00 -10.71 -0.30
CA PRO A 60 -13.73 -11.33 0.09
C PRO A 60 -13.47 -12.67 -0.58
N PHE A 61 -14.51 -13.40 -0.96
CA PHE A 61 -14.30 -14.72 -1.53
C PHE A 61 -14.85 -14.81 -2.96
N GLN A 62 -14.74 -13.71 -3.69
CA GLN A 62 -15.34 -13.61 -5.02
C GLN A 62 -14.56 -14.39 -6.07
N SER A 63 -13.33 -14.79 -5.77
CA SER A 63 -12.52 -15.59 -6.68
C SER A 63 -11.40 -16.22 -5.87
N ILE A 64 -10.68 -17.15 -6.48
CA ILE A 64 -9.52 -17.74 -5.81
C ILE A 64 -8.52 -16.66 -5.43
N ILE A 65 -8.22 -15.75 -6.36
CA ILE A 65 -7.26 -14.69 -6.09
C ILE A 65 -7.74 -13.80 -4.96
N HIS A 66 -9.02 -13.39 -4.99
CA HIS A 66 -9.44 -12.51 -3.92
C HIS A 66 -9.56 -13.26 -2.59
N ALA A 67 -9.94 -14.53 -2.62
CA ALA A 67 -9.98 -15.31 -1.38
C ALA A 67 -8.58 -15.41 -0.76
N LYS A 68 -7.58 -15.70 -1.61
CA LYS A 68 -6.20 -15.71 -1.18
C LYS A 68 -5.79 -14.37 -0.58
N ARG A 69 -6.14 -13.26 -1.24
CA ARG A 69 -5.76 -11.95 -0.74
C ARG A 69 -6.41 -11.68 0.61
N THR A 70 -7.66 -12.13 0.77
CA THR A 70 -8.33 -11.93 2.06
C THR A 70 -7.57 -12.62 3.18
N TYR A 71 -7.17 -13.87 2.95
CA TYR A 71 -6.43 -14.62 3.95
C TYR A 71 -5.10 -13.95 4.26
N ARG A 72 -4.35 -13.59 3.22
CA ARG A 72 -3.07 -12.92 3.45
C ARG A 72 -3.26 -11.63 4.25
N GLU A 73 -4.25 -10.83 3.92
CA GLU A 73 -4.39 -9.55 4.62
C GLU A 73 -4.74 -9.74 6.10
N LEU A 74 -5.66 -10.65 6.38
CA LEU A 74 -6.02 -10.92 7.78
C LEU A 74 -4.82 -11.46 8.55
N ARG A 75 -4.07 -12.38 7.95
CA ARG A 75 -2.92 -12.96 8.66
C ARG A 75 -1.89 -11.89 8.95
N LEU A 76 -1.58 -11.05 7.96
CA LEU A 76 -0.56 -10.01 8.14
C LEU A 76 -1.00 -9.02 9.21
N LEU A 77 -2.25 -8.56 9.12
CA LEU A 77 -2.76 -7.60 10.11
C LEU A 77 -2.67 -8.17 11.51
N LYS A 78 -2.97 -9.48 11.67
CA LYS A 78 -2.86 -10.12 12.97
C LYS A 78 -1.40 -10.27 13.40
N HIS A 79 -0.48 -10.36 12.47
CA HIS A 79 0.92 -10.60 12.81
C HIS A 79 1.63 -9.31 13.22
N MET A 80 1.28 -8.20 12.61
CA MET A 80 2.05 -6.98 12.66
C MET A 80 1.66 -6.19 13.91
N LYS A 81 2.63 -5.49 14.49
CA LYS A 81 2.35 -4.62 15.64
C LYS A 81 3.35 -3.47 15.59
N HIS A 82 2.90 -2.30 15.13
CA HIS A 82 3.77 -1.16 14.87
C HIS A 82 2.93 0.11 14.81
N GLU A 83 3.48 1.23 15.31
CA GLU A 83 2.71 2.47 15.39
C GLU A 83 2.28 3.01 14.03
N ASN A 84 3.05 2.73 12.98
CA ASN A 84 2.72 3.26 11.65
C ASN A 84 2.06 2.24 10.75
N VAL A 85 1.51 1.18 11.32
CA VAL A 85 0.76 0.16 10.59
C VAL A 85 -0.59 0.02 11.28
N ILE A 86 -1.66 0.00 10.48
CA ILE A 86 -3.00 -0.08 11.05
C ILE A 86 -3.13 -1.38 11.86
N GLY A 87 -3.66 -1.27 13.08
CA GLY A 87 -3.77 -2.41 13.98
C GLY A 87 -5.21 -2.79 14.25
N LEU A 88 -5.45 -4.08 14.48
CA LEU A 88 -6.81 -4.60 14.63
C LEU A 88 -7.26 -4.47 16.08
N LEU A 89 -8.38 -3.79 16.28
CA LEU A 89 -9.11 -3.87 17.55
C LEU A 89 -10.05 -5.06 17.59
N ASP A 90 -10.58 -5.47 16.44
CA ASP A 90 -11.60 -6.50 16.39
C ASP A 90 -11.70 -7.00 14.97
N VAL A 91 -12.16 -8.24 14.84
CA VAL A 91 -12.47 -8.89 13.57
C VAL A 91 -13.72 -9.71 13.78
N PHE A 92 -14.72 -9.57 12.91
CA PHE A 92 -15.93 -10.35 13.13
C PHE A 92 -16.58 -10.72 11.81
N THR A 93 -17.49 -11.69 11.89
CA THR A 93 -18.35 -12.07 10.81
C THR A 93 -19.73 -12.31 11.39
N PRO A 94 -20.79 -11.93 10.66
CA PRO A 94 -22.15 -12.27 11.08
C PRO A 94 -22.45 -13.76 10.95
N ALA A 95 -21.63 -14.50 10.21
CA ALA A 95 -21.92 -15.90 9.96
C ALA A 95 -21.85 -16.69 11.26
N ARG A 96 -22.76 -17.64 11.43
CA ARG A 96 -22.81 -18.51 12.59
C ARG A 96 -22.01 -19.80 12.39
N SER A 97 -21.63 -20.12 11.16
CA SER A 97 -20.85 -21.31 10.88
C SER A 97 -20.05 -21.11 9.60
N LEU A 98 -19.05 -21.97 9.38
CA LEU A 98 -18.29 -21.90 8.13
C LEU A 98 -19.22 -21.95 6.94
N GLU A 99 -20.35 -22.63 7.11
CA GLU A 99 -21.20 -22.99 5.99
C GLU A 99 -21.87 -21.76 5.40
N GLU A 100 -22.10 -20.71 6.20
CA GLU A 100 -22.69 -19.47 5.72
C GLU A 100 -21.71 -18.31 5.71
N PHE A 101 -20.42 -18.60 5.86
CA PHE A 101 -19.37 -17.59 6.00
C PHE A 101 -19.11 -16.93 4.65
N ASN A 102 -19.39 -15.63 4.55
CA ASN A 102 -19.16 -14.90 3.32
C ASN A 102 -18.69 -13.48 3.52
N ASP A 103 -18.74 -12.93 4.74
CA ASP A 103 -18.44 -11.54 5.01
C ASP A 103 -17.43 -11.46 6.14
N VAL A 104 -16.49 -10.52 6.01
CA VAL A 104 -15.47 -10.26 7.02
C VAL A 104 -15.44 -8.76 7.29
N TYR A 105 -15.43 -8.38 8.57
CA TYR A 105 -15.34 -6.98 8.99
C TYR A 105 -14.12 -6.80 9.88
N LEU A 106 -13.39 -5.71 9.67
CA LEU A 106 -12.22 -5.38 10.46
C LEU A 106 -12.46 -4.06 11.17
N VAL A 107 -11.95 -3.92 12.40
CA VAL A 107 -12.18 -2.72 13.21
C VAL A 107 -10.82 -2.16 13.65
N THR A 108 -10.64 -0.84 13.50
CA THR A 108 -9.46 -0.19 14.03
C THR A 108 -9.86 1.16 14.62
N HIS A 109 -8.88 1.85 15.22
CA HIS A 109 -9.09 3.22 15.67
C HIS A 109 -9.45 4.12 14.51
N LEU A 110 -10.42 5.01 14.74
CA LEU A 110 -10.79 6.01 13.74
C LEU A 110 -9.63 6.98 13.55
N MET A 111 -9.30 7.30 12.29
CA MET A 111 -8.22 8.25 12.05
C MET A 111 -8.71 9.59 11.54
N GLY A 112 -9.61 9.62 10.55
CA GLY A 112 -10.33 10.83 10.20
C GLY A 112 -9.93 11.51 8.92
N ALA A 113 -8.85 11.05 8.26
CA ALA A 113 -8.38 11.63 7.01
C ALA A 113 -7.40 10.65 6.40
N ASP A 114 -7.10 10.83 5.11
CA ASP A 114 -5.98 10.13 4.52
C ASP A 114 -5.06 11.16 3.89
N LEU A 115 -3.96 10.67 3.31
CA LEU A 115 -2.97 11.60 2.81
C LEU A 115 -3.50 12.42 1.64
N ASN A 116 -4.50 11.93 0.91
CA ASN A 116 -5.10 12.74 -0.17
C ASN A 116 -5.62 14.07 0.35
N ASN A 117 -6.26 14.06 1.53
CA ASN A 117 -6.65 15.32 2.17
C ASN A 117 -5.43 16.22 2.40
N ILE A 118 -4.34 15.64 2.90
CA ILE A 118 -3.19 16.45 3.29
C ILE A 118 -2.53 17.08 2.06
N VAL A 119 -2.51 16.33 0.95
CA VAL A 119 -1.93 16.87 -0.27
C VAL A 119 -2.58 18.19 -0.64
N LYS A 120 -3.88 18.33 -0.38
CA LYS A 120 -4.62 19.56 -0.69
C LYS A 120 -4.47 20.64 0.37
N CYS A 121 -3.79 20.37 1.48
CA CYS A 121 -3.78 21.34 2.57
C CYS A 121 -2.89 22.52 2.22
N GLN A 122 -3.49 23.72 2.22
CA GLN A 122 -2.78 24.90 1.78
C GLN A 122 -1.80 25.42 2.84
N LYS A 123 -1.78 24.83 4.03
CA LYS A 123 -0.82 25.22 5.07
C LYS A 123 0.26 24.16 5.28
N LEU A 124 0.40 23.21 4.36
CA LEU A 124 1.42 22.18 4.45
C LEU A 124 2.83 22.79 4.47
N THR A 125 3.63 22.43 5.47
CA THR A 125 5.01 22.92 5.55
C THR A 125 5.99 21.79 5.29
N ASP A 126 7.26 22.16 5.12
CA ASP A 126 8.27 21.13 4.89
C ASP A 126 8.42 20.22 6.11
N ASP A 127 8.30 20.79 7.30
CA ASP A 127 8.36 19.98 8.52
C ASP A 127 7.26 18.94 8.53
N HIS A 128 6.08 19.29 8.03
CA HIS A 128 4.99 18.33 7.94
C HIS A 128 5.35 17.20 6.98
N VAL A 129 5.87 17.55 5.81
CA VAL A 129 6.31 16.54 4.85
C VAL A 129 7.38 15.64 5.48
N GLN A 130 8.37 16.25 6.14
CA GLN A 130 9.38 15.47 6.86
C GLN A 130 8.73 14.44 7.77
N PHE A 131 7.77 14.88 8.59
CA PHE A 131 7.21 13.99 9.59
C PHE A 131 6.34 12.91 8.96
N LEU A 132 5.62 13.24 7.89
CA LEU A 132 4.76 12.25 7.25
C LEU A 132 5.59 11.19 6.50
N ILE A 133 6.55 11.63 5.70
CA ILE A 133 7.34 10.64 4.96
C ILE A 133 8.18 9.81 5.93
N TYR A 134 8.68 10.45 7.01
CA TYR A 134 9.42 9.72 8.02
C TYR A 134 8.62 8.53 8.54
N GLN A 135 7.33 8.76 8.85
CA GLN A 135 6.50 7.71 9.41
C GLN A 135 6.21 6.63 8.40
N ILE A 136 6.03 6.99 7.12
CA ILE A 136 5.85 5.96 6.10
C ILE A 136 7.08 5.05 6.07
N LEU A 137 8.26 5.65 6.11
CA LEU A 137 9.48 4.87 6.04
C LEU A 137 9.70 4.06 7.30
N ARG A 138 9.33 4.62 8.46
CA ARG A 138 9.42 3.87 9.71
C ARG A 138 8.55 2.62 9.64
N GLY A 139 7.30 2.76 9.18
CA GLY A 139 6.46 1.58 8.99
C GLY A 139 7.03 0.64 7.94
N LEU A 140 7.57 1.19 6.85
CA LEU A 140 8.10 0.35 5.79
C LEU A 140 9.34 -0.43 6.23
N LYS A 141 10.23 0.20 7.00
CA LYS A 141 11.35 -0.56 7.57
C LYS A 141 10.86 -1.79 8.30
N TYR A 142 9.84 -1.61 9.14
CA TYR A 142 9.26 -2.72 9.91
C TYR A 142 8.67 -3.79 9.00
N ILE A 143 7.84 -3.37 8.05
CA ILE A 143 7.17 -4.30 7.15
C ILE A 143 8.21 -5.10 6.39
N HIS A 144 9.20 -4.41 5.80
CA HIS A 144 10.18 -5.12 4.99
C HIS A 144 11.03 -6.05 5.84
N SER A 145 11.27 -5.70 7.10
CA SER A 145 12.07 -6.58 7.95
C SER A 145 11.34 -7.86 8.30
N ALA A 146 10.01 -7.87 8.19
CA ALA A 146 9.24 -9.09 8.31
C ALA A 146 9.26 -9.93 7.03
N ASP A 147 9.99 -9.49 6.00
CA ASP A 147 9.95 -10.08 4.66
C ASP A 147 8.54 -10.02 4.05
N ILE A 148 7.82 -8.96 4.38
CA ILE A 148 6.56 -8.63 3.75
C ILE A 148 6.83 -7.57 2.69
N ILE A 149 6.11 -7.64 1.58
CA ILE A 149 6.14 -6.61 0.56
C ILE A 149 4.74 -6.03 0.44
N HIS A 150 4.65 -4.70 0.39
CA HIS A 150 3.31 -4.13 0.45
C HIS A 150 2.60 -4.10 -0.91
N ARG A 151 3.25 -3.51 -1.92
CA ARG A 151 2.88 -3.53 -3.33
C ARG A 151 1.70 -2.62 -3.70
N ASP A 152 1.23 -1.76 -2.80
CA ASP A 152 0.14 -0.86 -3.20
C ASP A 152 0.14 0.41 -2.36
N LEU A 153 1.32 0.94 -2.07
CA LEU A 153 1.36 2.20 -1.35
C LEU A 153 0.91 3.32 -2.26
N LYS A 154 0.10 4.22 -1.72
CA LYS A 154 -0.47 5.36 -2.42
C LYS A 154 -1.18 6.23 -1.40
N PRO A 155 -1.51 7.47 -1.75
CA PRO A 155 -2.07 8.39 -0.73
C PRO A 155 -3.31 7.87 -0.03
N SER A 156 -4.22 7.23 -0.77
CA SER A 156 -5.46 6.77 -0.16
C SER A 156 -5.26 5.58 0.76
N ASN A 157 -4.07 4.98 0.77
CA ASN A 157 -3.72 3.87 1.66
C ASN A 157 -2.89 4.31 2.87
N LEU A 158 -2.85 5.61 3.15
CA LEU A 158 -2.18 6.17 4.33
C LEU A 158 -3.17 7.01 5.14
N ALA A 159 -3.54 6.53 6.32
CA ALA A 159 -4.42 7.31 7.19
C ALA A 159 -3.61 8.25 8.08
N VAL A 160 -4.14 9.45 8.30
CA VAL A 160 -3.49 10.47 9.13
C VAL A 160 -4.50 10.99 10.16
N ASN A 161 -4.12 10.98 11.44
CA ASN A 161 -5.04 11.54 12.43
C ASN A 161 -4.69 13.00 12.70
N GLU A 162 -5.43 13.59 13.63
CA GLU A 162 -5.37 15.02 13.85
C GLU A 162 -4.02 15.46 14.43
N ASP A 163 -3.27 14.54 15.02
CA ASP A 163 -1.92 14.83 15.46
C ASP A 163 -0.87 14.54 14.38
N CYS A 164 -1.31 14.43 13.12
CA CYS A 164 -0.45 14.05 11.99
C CYS A 164 0.27 12.72 12.20
N GLU A 165 -0.28 11.86 13.06
CA GLU A 165 0.19 10.47 13.14
C GLU A 165 -0.31 9.68 11.93
N LEU A 166 0.58 8.94 11.30
CA LEU A 166 0.29 8.26 10.04
C LEU A 166 0.31 6.75 10.24
N LYS A 167 -0.63 6.06 9.58
CA LYS A 167 -0.63 4.60 9.58
C LYS A 167 -0.86 4.08 8.17
N ILE A 168 -0.05 3.08 7.79
CA ILE A 168 -0.25 2.42 6.50
C ILE A 168 -1.51 1.57 6.55
N LEU A 169 -2.39 1.80 5.61
CA LEU A 169 -3.60 1.00 5.46
C LEU A 169 -3.43 -0.05 4.36
N ASP A 170 -4.43 -0.91 4.28
CA ASP A 170 -4.67 -1.78 3.13
C ASP A 170 -3.50 -2.70 2.82
N PHE A 171 -3.51 -3.88 3.42
CA PHE A 171 -2.57 -4.94 3.11
C PHE A 171 -3.18 -6.00 2.20
N GLY A 172 -4.19 -5.62 1.40
CA GLY A 172 -4.87 -6.56 0.53
C GLY A 172 -3.99 -7.12 -0.58
N LEU A 173 -2.97 -6.39 -0.99
CA LEU A 173 -2.03 -6.81 -2.01
C LEU A 173 -0.69 -7.22 -1.44
N ALA A 174 -0.56 -7.22 -0.12
CA ALA A 174 0.70 -7.53 0.51
C ALA A 174 0.89 -9.04 0.59
N ARG A 175 2.15 -9.46 0.67
CA ARG A 175 2.45 -10.88 0.81
C ARG A 175 3.86 -11.03 1.36
N HIS A 176 4.20 -12.27 1.70
CA HIS A 176 5.59 -12.62 1.92
C HIS A 176 6.38 -12.49 0.62
N THR A 177 7.55 -11.84 0.67
CA THR A 177 8.35 -11.66 -0.54
C THR A 177 8.87 -13.00 -1.05
N ASP A 178 8.96 -13.15 -2.38
CA ASP A 178 9.49 -14.35 -3.02
C ASP A 178 10.11 -13.99 -4.37
N ASP A 179 10.92 -14.90 -4.91
CA ASP A 179 11.61 -14.62 -6.17
C ASP A 179 10.64 -14.37 -7.31
N GLU A 180 9.51 -15.05 -7.31
CA GLU A 180 8.48 -14.87 -8.33
C GLU A 180 7.17 -14.54 -7.65
N MET A 181 6.56 -13.42 -8.05
CA MET A 181 5.34 -12.96 -7.42
C MET A 181 4.35 -12.53 -8.51
N TPO A 182 3.11 -12.26 -8.12
CA TPO A 182 2.06 -11.85 -9.06
CB TPO A 182 0.80 -11.53 -8.27
CG2 TPO A 182 -0.33 -10.97 -9.14
OG1 TPO A 182 0.36 -12.74 -7.65
P TPO A 182 0.53 -12.78 -6.04
O1P TPO A 182 -0.47 -11.79 -5.30
O2P TPO A 182 2.04 -12.47 -5.65
O3P TPO A 182 0.22 -14.17 -5.62
C TPO A 182 2.49 -10.67 -9.94
O TPO A 182 3.07 -9.70 -9.47
N GLY A 183 2.25 -10.77 -11.23
CA GLY A 183 2.75 -9.77 -12.16
C GLY A 183 2.08 -8.42 -12.11
N PTR A 184 0.75 -8.41 -12.13
CA PTR A 184 0.04 -7.14 -12.25
C PTR A 184 -0.32 -6.66 -10.86
O PTR A 184 -1.37 -7.04 -10.35
CB PTR A 184 -1.20 -7.29 -13.15
CG PTR A 184 -1.81 -6.00 -13.67
CD1 PTR A 184 -3.08 -5.59 -13.27
CD2 PTR A 184 -1.13 -5.20 -14.59
CE1 PTR A 184 -3.65 -4.42 -13.76
CE2 PTR A 184 -1.68 -4.03 -15.08
CZ PTR A 184 -2.94 -3.63 -14.65
OH PTR A 184 -3.46 -2.54 -15.17
P PTR A 184 -3.85 -1.16 -14.43
O1P PTR A 184 -3.84 -1.28 -12.92
O2P PTR A 184 -5.19 -0.79 -14.92
O3P PTR A 184 -2.84 -0.08 -14.88
N VAL A 185 0.56 -5.85 -10.27
CA VAL A 185 0.35 -5.31 -8.93
C VAL A 185 0.61 -3.81 -8.92
N ALA A 186 0.32 -3.15 -7.79
CA ALA A 186 0.44 -1.71 -7.59
C ALA A 186 -0.66 -0.97 -8.32
N THR A 187 -0.88 0.28 -7.94
CA THR A 187 -1.76 1.19 -8.65
C THR A 187 -0.91 1.97 -9.67
N ARG A 188 -1.47 2.16 -10.87
CA ARG A 188 -0.65 2.52 -12.03
C ARG A 188 0.22 3.75 -11.79
N TRP A 189 -0.36 4.81 -11.22
CA TRP A 189 0.41 6.03 -11.02
C TRP A 189 1.56 5.86 -10.03
N TYR A 190 1.52 4.82 -9.20
CA TYR A 190 2.53 4.54 -8.17
C TYR A 190 3.29 3.27 -8.45
N ARG A 191 3.15 2.71 -9.65
CA ARG A 191 3.72 1.42 -10.02
C ARG A 191 5.17 1.59 -10.45
N ALA A 192 6.09 0.87 -9.79
CA ALA A 192 7.50 0.97 -10.15
C ALA A 192 7.74 0.43 -11.56
N PRO A 193 8.67 1.02 -12.31
CA PRO A 193 8.84 0.58 -13.70
C PRO A 193 9.25 -0.88 -13.83
N GLU A 194 10.02 -1.42 -12.88
CA GLU A 194 10.40 -2.81 -13.06
C GLU A 194 9.22 -3.76 -12.96
N ILE A 195 8.07 -3.30 -12.44
CA ILE A 195 6.88 -4.12 -12.51
C ILE A 195 6.48 -4.34 -13.97
N MET A 196 6.66 -3.32 -14.81
CA MET A 196 6.34 -3.47 -16.22
C MET A 196 7.48 -4.09 -17.01
N LEU A 197 8.72 -3.85 -16.60
CA LEU A 197 9.88 -4.27 -17.38
C LEU A 197 10.40 -5.65 -16.99
N ASN A 198 10.15 -6.09 -15.76
CA ASN A 198 10.64 -7.38 -15.29
C ASN A 198 9.45 -8.15 -14.70
N TRP A 199 8.56 -8.59 -15.59
CA TRP A 199 7.30 -9.23 -15.24
C TRP A 199 7.50 -10.35 -14.22
N MET A 200 6.82 -10.20 -13.09
CA MET A 200 6.80 -11.07 -11.92
C MET A 200 8.12 -11.19 -11.16
N HIS A 201 9.12 -10.35 -11.45
CA HIS A 201 10.41 -10.50 -10.78
C HIS A 201 10.91 -9.18 -10.22
N TYR A 202 10.01 -8.46 -9.59
CA TYR A 202 10.35 -7.30 -8.80
C TYR A 202 10.61 -7.74 -7.35
N ASN A 203 10.96 -6.79 -6.47
CA ASN A 203 11.21 -7.11 -5.07
C ASN A 203 10.75 -5.93 -4.22
N GLN A 204 11.14 -5.89 -2.95
CA GLN A 204 10.59 -4.90 -2.03
C GLN A 204 10.91 -3.46 -2.43
N THR A 205 11.87 -3.23 -3.34
CA THR A 205 12.15 -1.84 -3.67
C THR A 205 11.03 -1.19 -4.45
N VAL A 206 10.04 -1.94 -4.94
CA VAL A 206 8.87 -1.29 -5.55
C VAL A 206 8.16 -0.41 -4.52
N ASP A 207 8.25 -0.75 -3.24
CA ASP A 207 7.57 0.08 -2.24
C ASP A 207 8.31 1.42 -2.06
N ILE A 208 9.64 1.42 -2.20
CA ILE A 208 10.38 2.67 -2.11
C ILE A 208 10.04 3.59 -3.27
N TRP A 209 9.86 3.04 -4.47
CA TRP A 209 9.39 3.83 -5.60
C TRP A 209 8.08 4.54 -5.27
N SER A 210 7.10 3.79 -4.75
CA SER A 210 5.83 4.41 -4.39
C SER A 210 6.01 5.54 -3.38
N VAL A 211 6.86 5.34 -2.38
CA VAL A 211 7.07 6.42 -1.39
C VAL A 211 7.66 7.66 -2.06
N GLY A 212 8.58 7.47 -3.00
CA GLY A 212 9.08 8.60 -3.77
C GLY A 212 7.98 9.33 -4.51
N CYS A 213 7.08 8.60 -5.17
CA CYS A 213 5.96 9.24 -5.85
C CYS A 213 5.07 10.00 -4.87
N ILE A 214 4.87 9.44 -3.67
CA ILE A 214 3.99 10.07 -2.69
C ILE A 214 4.62 11.34 -2.13
N MET A 215 5.91 11.28 -1.79
CA MET A 215 6.62 12.48 -1.35
C MET A 215 6.57 13.61 -2.38
N ALA A 216 6.80 13.28 -3.65
CA ALA A 216 6.71 14.30 -4.70
C ALA A 216 5.33 14.94 -4.73
N GLU A 217 4.28 14.11 -4.59
CA GLU A 217 2.92 14.64 -4.60
C GLU A 217 2.67 15.56 -3.40
N LEU A 218 3.24 15.21 -2.23
CA LEU A 218 3.10 16.09 -1.07
C LEU A 218 3.76 17.43 -1.30
N LEU A 219 4.92 17.42 -1.98
CA LEU A 219 5.70 18.65 -2.19
C LEU A 219 5.07 19.55 -3.25
N THR A 220 4.46 18.98 -4.27
CA THR A 220 3.98 19.78 -5.40
C THR A 220 2.47 19.94 -5.44
N GLY A 221 1.72 19.07 -4.78
CA GLY A 221 0.28 19.11 -4.89
C GLY A 221 -0.29 18.39 -6.09
N ARG A 222 0.56 17.74 -6.89
CA ARG A 222 0.11 17.08 -8.11
C ARG A 222 0.67 15.67 -8.19
N THR A 223 -0.13 14.77 -8.77
CA THR A 223 0.36 13.44 -9.11
C THR A 223 1.65 13.54 -9.92
N LEU A 224 2.65 12.73 -9.55
CA LEU A 224 3.93 12.79 -10.24
C LEU A 224 3.84 12.21 -11.66
N PHE A 225 3.29 11.00 -11.79
CA PHE A 225 3.25 10.28 -13.07
C PHE A 225 1.81 9.85 -13.37
N PRO A 226 0.93 10.78 -13.75
CA PRO A 226 -0.48 10.43 -13.97
C PRO A 226 -0.75 9.84 -15.37
N GLY A 227 -0.17 8.69 -15.65
CA GLY A 227 -0.32 8.10 -16.97
C GLY A 227 -1.72 7.56 -17.20
N THR A 228 -2.15 7.60 -18.47
CA THR A 228 -3.45 7.12 -18.89
C THR A 228 -3.43 5.71 -19.45
N ASP A 229 -2.24 5.14 -19.66
CA ASP A 229 -2.10 3.74 -20.05
C ASP A 229 -0.64 3.34 -19.78
N HIS A 230 -0.31 2.10 -20.10
CA HIS A 230 1.00 1.58 -19.73
C HIS A 230 2.12 2.28 -20.50
N ILE A 231 1.93 2.52 -21.80
CA ILE A 231 2.90 3.24 -22.62
C ILE A 231 3.08 4.66 -22.09
N ASP A 232 1.97 5.37 -21.94
CA ASP A 232 1.97 6.70 -21.33
C ASP A 232 2.73 6.69 -20.01
N GLN A 233 2.43 5.72 -19.14
CA GLN A 233 3.05 5.67 -17.82
C GLN A 233 4.56 5.52 -17.94
N LEU A 234 5.00 4.60 -18.79
CA LEU A 234 6.45 4.39 -18.92
C LEU A 234 7.14 5.66 -19.43
N LYS A 235 6.53 6.33 -20.41
CA LYS A 235 7.16 7.53 -20.95
C LYS A 235 7.19 8.66 -19.93
N LEU A 236 6.16 8.80 -19.10
CA LEU A 236 6.17 9.84 -18.07
C LEU A 236 7.32 9.63 -17.10
N ILE A 237 7.61 8.38 -16.76
CA ILE A 237 8.70 8.06 -15.85
C ILE A 237 10.03 8.36 -16.52
N LEU A 238 10.20 7.90 -17.77
CA LEU A 238 11.48 8.07 -18.45
C LEU A 238 11.82 9.54 -18.67
N ARG A 239 10.80 10.39 -18.84
CA ARG A 239 11.07 11.81 -19.00
C ARG A 239 11.70 12.42 -17.75
N LEU A 240 11.43 11.84 -16.57
CA LEU A 240 12.07 12.32 -15.35
C LEU A 240 13.40 11.62 -15.06
N VAL A 241 13.41 10.28 -15.05
CA VAL A 241 14.62 9.59 -14.61
C VAL A 241 15.60 9.30 -15.73
N GLY A 242 15.22 9.55 -16.97
CA GLY A 242 16.05 9.34 -18.15
C GLY A 242 15.87 7.96 -18.73
N THR A 243 16.13 7.85 -20.03
CA THR A 243 16.08 6.55 -20.68
C THR A 243 17.28 5.72 -20.26
N PRO A 244 17.12 4.41 -20.12
CA PRO A 244 18.21 3.57 -19.62
C PRO A 244 19.36 3.47 -20.61
N GLY A 245 20.58 3.43 -20.06
CA GLY A 245 21.76 3.22 -20.86
C GLY A 245 21.95 1.76 -21.19
N ALA A 246 23.08 1.47 -21.84
CA ALA A 246 23.31 0.16 -22.42
C ALA A 246 23.33 -0.92 -21.35
N GLU A 247 24.00 -0.66 -20.23
CA GLU A 247 24.08 -1.66 -19.18
C GLU A 247 22.75 -1.90 -18.49
N LEU A 248 21.86 -0.89 -18.46
CA LEU A 248 20.61 -1.06 -17.73
C LEU A 248 19.57 -1.76 -18.61
N LEU A 249 19.58 -1.48 -19.92
CA LEU A 249 18.71 -2.24 -20.83
C LEU A 249 18.87 -3.73 -20.64
N LYS A 250 20.10 -4.18 -20.38
CA LYS A 250 20.38 -5.59 -20.31
C LYS A 250 19.72 -6.26 -19.13
N LYS A 251 19.25 -5.50 -18.14
CA LYS A 251 18.50 -6.06 -17.03
C LYS A 251 17.01 -6.10 -17.30
N ILE A 252 16.53 -5.48 -18.37
CA ILE A 252 15.12 -5.54 -18.72
C ILE A 252 14.84 -6.91 -19.34
N SER A 253 13.90 -7.64 -18.74
CA SER A 253 13.62 -8.99 -19.23
C SER A 253 12.67 -9.04 -20.43
N SER A 254 11.87 -8.00 -20.66
CA SER A 254 10.95 -8.00 -21.80
C SER A 254 11.65 -7.50 -23.04
N GLU A 255 11.72 -8.35 -24.07
CA GLU A 255 12.31 -7.92 -25.33
C GLU A 255 11.42 -6.90 -26.04
N SER A 256 10.11 -7.00 -25.85
CA SER A 256 9.23 -6.00 -26.44
C SER A 256 9.40 -4.65 -25.74
N ALA A 257 9.60 -4.64 -24.41
CA ALA A 257 9.85 -3.38 -23.73
C ALA A 257 11.17 -2.75 -24.16
N ARG A 258 12.26 -3.53 -24.19
CA ARG A 258 13.55 -3.01 -24.64
C ARG A 258 13.43 -2.41 -26.03
N ASN A 259 12.81 -3.14 -26.94
CA ASN A 259 12.64 -2.67 -28.31
C ASN A 259 11.87 -1.36 -28.32
N TYR A 260 10.78 -1.27 -27.57
CA TYR A 260 10.00 -0.03 -27.51
C TYR A 260 10.84 1.11 -26.95
N ILE A 261 11.52 0.88 -25.83
CA ILE A 261 12.34 1.92 -25.21
C ILE A 261 13.41 2.41 -26.20
N GLN A 262 14.05 1.49 -26.91
CA GLN A 262 15.09 1.94 -27.84
C GLN A 262 14.53 2.77 -28.97
N SER A 263 13.22 2.72 -29.20
CA SER A 263 12.63 3.53 -30.26
C SER A 263 12.37 4.96 -29.81
N LEU A 264 12.48 5.25 -28.53
CA LEU A 264 12.15 6.58 -28.05
C LEU A 264 13.31 7.53 -28.28
N THR A 265 13.01 8.82 -28.20
CA THR A 265 14.07 9.82 -28.16
C THR A 265 14.86 9.62 -26.88
N GLN A 266 16.18 9.83 -26.97
CA GLN A 266 17.02 9.67 -25.79
C GLN A 266 16.75 10.79 -24.79
N MET A 267 16.55 10.41 -23.53
CA MET A 267 16.21 11.31 -22.47
C MET A 267 17.27 11.20 -21.37
N PRO A 268 17.83 12.31 -20.91
CA PRO A 268 18.72 12.26 -19.76
C PRO A 268 17.93 12.34 -18.46
N LYS A 269 18.60 11.95 -17.36
CA LYS A 269 17.98 12.16 -16.07
C LYS A 269 17.83 13.66 -15.87
N MET A 270 16.67 14.07 -15.39
CA MET A 270 16.47 15.47 -15.06
C MET A 270 17.17 15.80 -13.76
N ASN A 271 17.58 17.04 -13.61
CA ASN A 271 17.96 17.54 -12.30
C ASN A 271 16.69 17.79 -11.51
N PHE A 272 16.47 17.01 -10.45
CA PHE A 272 15.24 17.13 -9.70
C PHE A 272 15.11 18.50 -9.06
N ALA A 273 16.23 19.17 -8.79
CA ALA A 273 16.17 20.52 -8.25
C ALA A 273 15.43 21.46 -9.20
N ASN A 274 15.42 21.14 -10.50
CA ASN A 274 14.71 21.93 -11.49
C ASN A 274 13.27 21.48 -11.68
N VAL A 275 12.85 20.38 -11.06
CA VAL A 275 11.46 19.96 -11.08
C VAL A 275 10.71 20.45 -9.85
N PHE A 276 11.31 20.27 -8.68
CA PHE A 276 10.71 20.59 -7.39
C PHE A 276 11.25 21.93 -6.92
N ILE A 277 10.66 22.99 -7.48
CA ILE A 277 11.23 24.33 -7.37
C ILE A 277 11.04 24.82 -5.95
N GLY A 278 12.13 25.29 -5.33
CA GLY A 278 11.99 25.81 -3.97
C GLY A 278 11.74 24.78 -2.90
N ALA A 279 11.85 23.49 -3.21
CA ALA A 279 11.76 22.49 -2.16
C ALA A 279 13.08 22.45 -1.39
N ASN A 280 13.01 22.06 -0.12
CA ASN A 280 14.18 21.77 0.68
C ASN A 280 15.21 20.99 -0.13
N PRO A 281 16.44 21.46 -0.27
CA PRO A 281 17.46 20.71 -1.00
C PRO A 281 17.65 19.28 -0.52
N LEU A 282 17.46 19.02 0.78
CA LEU A 282 17.59 17.66 1.30
C LEU A 282 16.43 16.79 0.85
N ALA A 283 15.24 17.38 0.66
CA ALA A 283 14.13 16.62 0.13
C ALA A 283 14.40 16.21 -1.31
N VAL A 284 14.91 17.14 -2.12
CA VAL A 284 15.26 16.81 -3.49
C VAL A 284 16.29 15.69 -3.51
N ASP A 285 17.27 15.75 -2.60
CA ASP A 285 18.30 14.73 -2.57
C ASP A 285 17.73 13.36 -2.24
N LEU A 286 16.81 13.29 -1.26
CA LEU A 286 16.20 12.00 -0.96
C LEU A 286 15.36 11.51 -2.14
N LEU A 287 14.67 12.43 -2.82
CA LEU A 287 13.88 12.02 -3.98
C LEU A 287 14.75 11.43 -5.06
N GLU A 288 15.92 12.03 -5.30
CA GLU A 288 16.85 11.48 -6.28
C GLU A 288 17.29 10.07 -5.91
N LYS A 289 17.37 9.76 -4.61
CA LYS A 289 17.79 8.44 -4.20
C LYS A 289 16.65 7.42 -4.20
N MET A 290 15.41 7.90 -4.20
CA MET A 290 14.22 7.05 -4.22
C MET A 290 13.78 6.74 -5.65
N LEU A 291 13.76 7.75 -6.52
CA LEU A 291 13.20 7.59 -7.86
C LEU A 291 14.33 7.34 -8.85
N VAL A 292 14.95 6.17 -8.73
CA VAL A 292 15.99 5.74 -9.65
C VAL A 292 15.45 4.54 -10.40
N LEU A 293 15.69 4.51 -11.70
CA LEU A 293 15.23 3.43 -12.57
C LEU A 293 15.80 2.09 -12.12
N ASP A 294 17.12 2.02 -11.89
CA ASP A 294 17.77 0.77 -11.50
C ASP A 294 17.37 0.42 -10.08
N SER A 295 16.53 -0.61 -9.96
CA SER A 295 16.05 -1.05 -8.66
C SER A 295 17.20 -1.27 -7.68
N ASP A 296 18.33 -1.79 -8.14
CA ASP A 296 19.39 -2.15 -7.21
C ASP A 296 20.11 -0.94 -6.61
N LYS A 297 19.93 0.24 -7.17
CA LYS A 297 20.60 1.43 -6.65
C LYS A 297 19.68 2.28 -5.81
N ARG A 298 18.44 1.86 -5.66
CA ARG A 298 17.45 2.61 -4.91
C ARG A 298 17.76 2.54 -3.42
N ILE A 299 17.54 3.64 -2.70
CA ILE A 299 17.75 3.66 -1.25
C ILE A 299 16.78 2.70 -0.57
N THR A 300 17.20 2.11 0.56
CA THR A 300 16.26 1.28 1.31
C THR A 300 15.53 2.13 2.35
N ALA A 301 14.44 1.57 2.90
CA ALA A 301 13.71 2.24 3.98
C ALA A 301 14.63 2.53 5.16
N ALA A 302 15.38 1.52 5.60
CA ALA A 302 16.33 1.70 6.69
C ALA A 302 17.37 2.78 6.37
N GLN A 303 17.94 2.75 5.16
CA GLN A 303 18.87 3.81 4.79
C GLN A 303 18.19 5.18 4.78
N ALA A 304 16.97 5.26 4.26
CA ALA A 304 16.30 6.56 4.15
C ALA A 304 16.00 7.17 5.51
N LEU A 305 15.79 6.37 6.54
CA LEU A 305 15.48 6.94 7.86
C LEU A 305 16.68 7.70 8.42
N ALA A 306 17.89 7.28 8.06
CA ALA A 306 19.14 7.92 8.39
C ALA A 306 19.49 9.12 7.52
N HIS A 307 18.68 9.45 6.52
CA HIS A 307 18.96 10.60 5.66
C HIS A 307 18.78 11.92 6.42
N ALA A 308 19.64 12.89 6.12
CA ALA A 308 19.66 14.15 6.85
C ALA A 308 18.34 14.89 6.80
N TYR A 309 17.51 14.63 5.78
CA TYR A 309 16.18 15.25 5.70
C TYR A 309 15.36 14.99 6.96
N PHE A 310 15.56 13.83 7.60
CA PHE A 310 14.76 13.43 8.74
C PHE A 310 15.46 13.65 10.07
N ALA A 311 16.48 14.52 10.11
CA ALA A 311 17.29 14.65 11.32
C ALA A 311 16.47 15.05 12.54
N GLN A 312 15.40 15.82 12.35
CA GLN A 312 14.54 16.18 13.48
C GLN A 312 13.86 14.97 14.12
N TYR A 313 13.55 13.92 13.34
CA TYR A 313 12.73 12.82 13.84
C TYR A 313 13.47 11.50 14.01
N HIS A 314 14.62 11.34 13.37
CA HIS A 314 15.28 10.04 13.34
C HIS A 314 15.77 9.66 14.72
N ASP A 315 15.47 8.44 15.14
CA ASP A 315 15.99 7.88 16.39
C ASP A 315 16.28 6.41 16.11
N PRO A 316 17.55 6.03 15.92
CA PRO A 316 17.85 4.65 15.50
C PRO A 316 17.45 3.58 16.50
N ASP A 317 17.13 3.96 17.74
CA ASP A 317 16.62 3.02 18.72
C ASP A 317 15.11 3.06 18.88
N ASP A 318 14.41 3.87 18.08
CA ASP A 318 12.95 3.92 18.04
C ASP A 318 12.46 3.64 16.63
N GLU A 319 13.13 2.75 15.91
CA GLU A 319 12.74 2.35 14.56
C GLU A 319 12.81 0.83 14.51
N PRO A 320 11.89 0.15 15.19
CA PRO A 320 12.05 -1.29 15.41
C PRO A 320 11.82 -2.12 14.16
N VAL A 321 12.32 -3.35 14.22
CA VAL A 321 12.11 -4.33 13.18
C VAL A 321 11.09 -5.35 13.69
N ALA A 322 10.63 -6.18 12.78
CA ALA A 322 9.55 -7.11 13.05
C ALA A 322 10.09 -8.50 13.31
N ASP A 323 9.27 -9.30 13.93
CA ASP A 323 9.45 -10.74 13.85
C ASP A 323 9.09 -11.18 12.43
N PRO A 324 9.91 -11.99 11.77
CA PRO A 324 9.62 -12.33 10.37
C PRO A 324 8.33 -13.12 10.23
N TYR A 325 7.60 -12.82 9.16
CA TYR A 325 6.30 -13.42 8.90
C TYR A 325 6.46 -14.80 8.28
N ASP A 326 5.77 -15.80 8.85
CA ASP A 326 5.82 -17.18 8.40
C ASP A 326 4.59 -17.49 7.54
N GLN A 327 4.83 -17.91 6.30
CA GLN A 327 3.77 -18.20 5.32
C GLN A 327 3.24 -19.61 5.56
N SER A 328 2.11 -19.71 6.26
CA SER A 328 1.54 -20.99 6.66
C SER A 328 1.09 -21.83 5.46
N PHE A 329 0.01 -21.41 4.81
CA PHE A 329 -0.66 -22.18 3.77
C PHE A 329 -0.64 -21.46 2.43
N GLU A 330 0.14 -20.39 2.30
CA GLU A 330 0.01 -19.46 1.19
C GLU A 330 0.85 -19.86 -0.02
N SER A 331 1.53 -21.00 0.04
CA SER A 331 2.47 -21.38 -1.00
C SER A 331 1.84 -22.24 -2.10
N ARG A 332 0.59 -22.65 -1.95
CA ARG A 332 -0.05 -23.51 -2.94
C ARG A 332 -1.30 -22.85 -3.49
N ASP A 333 -1.83 -23.46 -4.54
CA ASP A 333 -3.09 -23.07 -5.15
C ASP A 333 -4.21 -23.82 -4.44
N LEU A 334 -5.08 -23.10 -3.75
CA LEU A 334 -6.18 -23.70 -3.02
C LEU A 334 -7.50 -23.28 -3.65
N LEU A 335 -8.53 -24.06 -3.41
CA LEU A 335 -9.88 -23.69 -3.82
C LEU A 335 -10.43 -22.63 -2.87
N ILE A 336 -11.47 -21.92 -3.34
CA ILE A 336 -12.08 -20.87 -2.52
C ILE A 336 -12.50 -21.43 -1.17
N ASP A 337 -13.03 -22.67 -1.16
CA ASP A 337 -13.54 -23.21 0.09
C ASP A 337 -12.42 -23.51 1.09
N GLU A 338 -11.22 -23.82 0.60
CA GLU A 338 -10.09 -23.96 1.52
C GLU A 338 -9.67 -22.59 2.06
N TRP A 339 -9.54 -21.59 1.17
CA TRP A 339 -9.21 -20.25 1.65
C TRP A 339 -10.25 -19.78 2.68
N LYS A 340 -11.51 -20.11 2.45
CA LYS A 340 -12.58 -19.68 3.39
C LYS A 340 -12.37 -20.33 4.75
N SER A 341 -12.09 -21.64 4.76
CA SER A 341 -11.92 -22.35 6.03
C SER A 341 -10.72 -21.81 6.80
N LEU A 342 -9.60 -21.56 6.09
CA LEU A 342 -8.42 -20.98 6.71
C LEU A 342 -8.72 -19.59 7.26
N THR A 343 -9.50 -18.80 6.52
CA THR A 343 -9.81 -17.44 6.97
C THR A 343 -10.80 -17.45 8.14
N TYR A 344 -11.82 -18.31 8.06
CA TYR A 344 -12.73 -18.51 9.19
C TYR A 344 -11.96 -18.81 10.47
N ASP A 345 -10.99 -19.73 10.40
CA ASP A 345 -10.23 -20.09 11.58
C ASP A 345 -9.49 -18.89 12.16
N GLU A 346 -8.98 -18.02 11.29
CA GLU A 346 -8.28 -16.82 11.74
C GLU A 346 -9.25 -15.79 12.31
N VAL A 347 -10.48 -15.73 11.82
CA VAL A 347 -11.46 -14.84 12.43
C VAL A 347 -11.84 -15.36 13.81
N ILE A 348 -12.13 -16.66 13.92
CA ILE A 348 -12.59 -17.23 15.18
C ILE A 348 -11.48 -17.21 16.23
N SER A 349 -10.23 -17.22 15.82
CA SER A 349 -9.14 -17.27 16.80
C SER A 349 -8.64 -15.89 17.19
N PHE A 350 -9.13 -14.82 16.57
CA PHE A 350 -8.63 -13.49 16.88
C PHE A 350 -8.85 -13.15 18.35
N VAL A 351 -7.83 -12.58 18.97
CA VAL A 351 -7.90 -12.14 20.36
C VAL A 351 -7.68 -10.63 20.40
N PRO A 352 -8.62 -9.86 20.94
CA PRO A 352 -8.46 -8.40 20.89
C PRO A 352 -7.36 -7.95 21.82
N PRO A 353 -6.71 -6.83 21.51
CA PRO A 353 -5.64 -6.33 22.39
C PRO A 353 -6.22 -5.78 23.68
N PRO A 354 -5.44 -5.74 24.74
CA PRO A 354 -5.93 -5.12 25.99
C PRO A 354 -6.05 -3.62 25.83
N LEU A 355 -7.06 -3.06 26.50
CA LEU A 355 -7.33 -1.62 26.42
C LEU A 355 -6.43 -0.84 27.38
N LEU B 6 -1.76 -16.44 -15.96
CA LEU B 6 -2.20 -15.06 -16.17
C LEU B 6 -1.32 -14.32 -17.17
N ALA B 7 -1.96 -13.53 -18.03
CA ALA B 7 -1.29 -12.90 -19.16
C ALA B 7 -0.61 -11.60 -18.76
N ASN B 8 0.46 -11.27 -19.47
CA ASN B 8 1.21 -10.04 -19.26
C ASN B 8 0.60 -8.92 -20.09
N PRO B 9 -0.10 -7.96 -19.48
CA PRO B 9 -0.70 -6.87 -20.28
C PRO B 9 0.31 -5.87 -20.77
N PHE B 10 1.51 -5.83 -20.17
CA PHE B 10 2.50 -4.84 -20.60
C PHE B 10 3.09 -5.19 -21.95
N GLU B 11 3.52 -6.44 -22.16
CA GLU B 11 4.09 -6.80 -23.45
C GLU B 11 3.11 -6.51 -24.58
N ASN B 12 1.82 -6.75 -24.36
CA ASN B 12 0.84 -6.50 -25.41
C ASN B 12 0.93 -5.06 -25.87
N GLU B 13 0.91 -4.12 -24.92
CA GLU B 13 0.95 -2.71 -25.27
C GLU B 13 2.29 -2.32 -25.89
N PHE B 14 3.40 -2.87 -25.39
CA PHE B 14 4.71 -2.57 -25.96
C PHE B 14 4.80 -3.01 -27.42
N LYS B 15 4.40 -4.25 -27.71
CA LYS B 15 4.49 -4.74 -29.08
C LYS B 15 3.61 -3.92 -30.01
N LYS B 16 2.43 -3.50 -29.54
CA LYS B 16 1.54 -2.67 -30.34
C LYS B 16 2.15 -1.28 -30.59
N ALA B 17 2.69 -0.66 -29.52
CA ALA B 17 3.27 0.68 -29.66
C ALA B 17 4.37 0.72 -30.70
N SER B 18 5.20 -0.33 -30.75
CA SER B 18 6.22 -0.43 -31.79
C SER B 18 5.57 -0.64 -33.17
N GLU B 19 4.59 -1.52 -33.25
CA GLU B 19 3.95 -1.83 -34.52
C GLU B 19 3.31 -0.60 -35.16
OAA 3FF C . -10.10 6.97 9.57
OAB 3FF C . -15.04 13.44 5.20
OAC 3FF C . -15.83 11.61 7.09
FAD 3FF C . -9.34 -2.87 10.84
FAE 3FF C . -11.58 0.64 8.84
CAF 3FF C . -8.32 -1.80 9.05
CAG 3FF C . -9.74 2.93 8.69
CAH 3FF C . -11.61 10.03 6.06
CAI 3FF C . -10.59 9.21 5.55
CAJ 3FF C . -8.28 -0.83 8.06
CAK 3FF C . -9.90 4.27 8.95
CAL 3FF C . -10.49 -1.03 9.79
CAM 3FF C . -9.67 3.43 6.33
CAN 3FF C . -11.70 8.70 8.03
CAO 3FF C . -14.84 13.75 6.56
CAP 3FF C . -9.05 7.10 5.87
CAQ 3FF C . -9.87 5.87 5.46
CAR 3FF C . -13.45 11.72 7.01
NAS 3FF C . -9.47 1.10 6.96
OAT 3FF C . -13.19 10.60 7.84
CAU 3FF C . -10.19 6.70 8.41
CAV 3FF C . -9.42 -1.90 9.90
CAW 3FF C . -9.63 2.50 7.36
CAX 3FF C . -10.44 -0.08 8.79
CAY 3FF C . -12.16 9.78 7.30
CAZ 3FF C . -10.12 8.13 6.29
CBA 3FF C . -9.84 4.80 6.60
CBB 3FF C . -9.36 0.04 7.93
CBC 3FF C . -9.97 5.23 7.93
CBD 3FF C . -10.71 7.85 7.53
CBE 3FF C . -14.74 12.46 7.38
#